data_6O2L
#
_entry.id   6O2L
#
loop_
_entity.id
_entity.type
_entity.pdbx_description
1 polymer "DNA (5'-D(*TP*GP*AP*GP*GP*GP*TP*GP*GP*GP*TP*AP*GP*GP*GP*TP*GP*GP*GP*TP*AP*A)-3')"
2 non-polymer 3,6-bis[(E)-2-(1-methylpyridin-1-ium-4-yl)ethenyl]-9H-carbazole
#
_entity_poly.entity_id   1
_entity_poly.type   'polydeoxyribonucleotide'
_entity_poly.pdbx_seq_one_letter_code
;(DT)(DG)(DA)(DG)(DG)(DG)(DT)(DG)(DG)(DG)(DT)(DA)(DG)(DG)(DG)(DT)(DG)(DG)(DG)(DT)
(DA)(DA)
;
_entity_poly.pdbx_strand_id   A
#